data_1Q44
#
_entry.id   1Q44
#
_cell.length_a   91.477
_cell.length_b   120.899
_cell.length_c   74.315
_cell.angle_alpha   90.00
_cell.angle_beta   90.00
_cell.angle_gamma   90.00
#
_symmetry.space_group_name_H-M   'C 2 2 21'
#
loop_
_entity.id
_entity.type
_entity.pdbx_description
1 polymer 'Steroid Sulfotransferase'
2 non-polymer 'MALONIC ACID'
3 water water
#
_entity_poly.entity_id   1
_entity_poly.type   'polypeptide(L)'
_entity_poly.pdbx_seq_one_letter_code
;MSSSSSVPAYLGDEDLTQETRALISSLPKEKGWLVSEIYEFQGLWHTQAILQGILICQKRFEAKDSDIILVTNPKSGTTW
LKALVFALLNRHKFPVSSSGNHPLLVTNPHLLVPFLEGVYYESPDFDFSSLPSPRLMNTHISHLSLPESVKSSSCKIVYC
CRNPKDMFVSLWHFGKKLAPEETADYPIEKAVEAFCEGKFIGGPFWDHILEYWYASRENPNKVLFVTYEELKKQTEVEMK
RIAEFLECGFIEEEEVREIVKLCSFESLSNLEVNKEGKLPNGIETKTFFRKGEIGGWRDTLSESLAEEIDRTIEEKFKGS
GLKFSS
;
_entity_poly.pdbx_strand_id   A
#
loop_
_chem_comp.id
_chem_comp.type
_chem_comp.name
_chem_comp.formula
MLA non-polymer 'MALONIC ACID' 'C3 H4 O4'
#
# COMPACT_ATOMS: atom_id res chain seq x y z
N SER A 6 10.05 7.03 -28.04
CA SER A 6 9.86 5.80 -27.19
C SER A 6 8.39 5.40 -27.09
N VAL A 7 8.14 4.09 -27.11
CA VAL A 7 6.82 3.52 -26.90
C VAL A 7 6.86 2.54 -25.73
N PRO A 8 5.71 2.19 -25.17
CA PRO A 8 5.72 1.27 -24.04
C PRO A 8 6.28 -0.12 -24.44
N ALA A 9 6.74 -0.86 -23.43
CA ALA A 9 7.12 -2.23 -23.59
C ALA A 9 5.91 -3.12 -23.85
N TYR A 10 6.17 -4.33 -24.34
CA TYR A 10 5.15 -5.36 -24.49
C TYR A 10 5.34 -6.31 -23.28
N LEU A 11 4.43 -6.19 -22.32
CA LEU A 11 4.43 -6.96 -21.08
C LEU A 11 3.11 -7.65 -20.80
N GLY A 12 3.17 -8.97 -20.60
CA GLY A 12 2.06 -9.73 -20.12
C GLY A 12 1.14 -10.22 -21.23
N ASP A 13 -0.05 -10.55 -20.81
CA ASP A 13 -1.14 -11.05 -21.68
C ASP A 13 -1.37 -10.12 -22.83
N GLU A 14 -1.23 -10.67 -24.03
CA GLU A 14 -1.40 -9.89 -25.26
C GLU A 14 -2.75 -9.17 -25.37
N ASP A 15 -3.81 -9.88 -24.99
CA ASP A 15 -5.14 -9.31 -25.07
C ASP A 15 -5.26 -8.09 -24.21
N LEU A 16 -4.65 -8.09 -23.03
CA LEU A 16 -4.67 -6.89 -22.19
C LEU A 16 -3.74 -5.81 -22.67
N THR A 17 -2.62 -6.21 -23.24
CA THR A 17 -1.73 -5.25 -23.88
C THR A 17 -2.50 -4.43 -24.93
N GLN A 18 -3.24 -5.10 -25.79
CA GLN A 18 -3.98 -4.37 -26.83
C GLN A 18 -5.10 -3.49 -26.25
N GLU A 19 -5.70 -3.93 -25.14
CA GLU A 19 -6.77 -3.15 -24.47
C GLU A 19 -6.21 -1.85 -23.80
N THR A 20 -4.95 -1.85 -23.35
CA THR A 20 -4.38 -0.72 -22.59
C THR A 20 -3.32 0.14 -23.25
N ARG A 21 -2.69 -0.38 -24.31
CA ARG A 21 -1.50 0.22 -24.86
C ARG A 21 -1.72 1.63 -25.44
N ALA A 22 -2.83 1.84 -26.15
CA ALA A 22 -3.08 3.19 -26.68
C ALA A 22 -3.25 4.18 -25.54
N LEU A 23 -3.99 3.79 -24.49
CA LEU A 23 -4.18 4.69 -23.35
C LEU A 23 -2.82 5.07 -22.74
N ILE A 24 -2.01 4.05 -22.49
CA ILE A 24 -0.72 4.27 -21.85
C ILE A 24 0.21 5.11 -22.69
N SER A 25 0.21 4.86 -24.00
CA SER A 25 1.02 5.62 -24.96
C SER A 25 0.62 7.10 -25.01
N SER A 26 -0.59 7.43 -24.59
CA SER A 26 -1.10 8.82 -24.61
C SER A 26 -0.79 9.63 -23.34
N LEU A 27 -0.38 8.96 -22.26
CA LEU A 27 -0.18 9.67 -21.01
C LEU A 27 1.16 10.40 -21.01
N PRO A 28 1.28 11.41 -20.16
CA PRO A 28 2.58 12.03 -19.90
C PRO A 28 3.53 11.03 -19.38
N LYS A 29 4.80 11.19 -19.75
CA LYS A 29 5.86 10.31 -19.34
C LYS A 29 7.10 11.07 -18.90
N GLU A 30 7.85 10.48 -17.98
CA GLU A 30 9.10 11.05 -17.54
C GLU A 30 10.13 9.94 -17.46
N LYS A 31 11.39 10.36 -17.36
CA LYS A 31 12.49 9.44 -17.21
C LYS A 31 12.30 8.72 -15.88
N GLY A 32 12.38 7.40 -15.90
CA GLY A 32 12.31 6.63 -14.69
C GLY A 32 13.70 6.41 -14.11
N TRP A 33 13.74 6.20 -12.81
CA TRP A 33 14.98 5.82 -12.14
C TRP A 33 15.03 4.29 -11.98
N LEU A 34 14.00 3.73 -11.38
CA LEU A 34 13.89 2.30 -11.17
C LEU A 34 13.64 1.58 -12.50
N VAL A 35 13.29 2.36 -13.52
CA VAL A 35 12.68 1.83 -14.74
C VAL A 35 12.94 2.80 -15.91
N SER A 36 12.69 2.42 -17.18
CA SER A 36 12.95 3.34 -18.31
C SER A 36 12.02 4.60 -18.31
N GLU A 37 10.70 4.39 -18.29
CA GLU A 37 9.75 5.50 -18.25
C GLU A 37 8.72 5.30 -17.10
N ILE A 38 8.31 6.38 -16.44
CA ILE A 38 7.10 6.43 -15.63
C ILE A 38 6.02 7.24 -16.36
N TYR A 39 4.76 7.00 -16.00
CA TYR A 39 3.61 7.54 -16.74
C TYR A 39 2.62 8.12 -15.76
N GLU A 40 2.07 9.28 -16.04
CA GLU A 40 1.15 9.93 -15.09
C GLU A 40 -0.30 9.48 -15.37
N PHE A 41 -0.96 8.95 -14.36
CA PHE A 41 -2.30 8.43 -14.51
C PHE A 41 -3.04 8.82 -13.29
N GLN A 42 -4.14 9.56 -13.50
CA GLN A 42 -4.98 10.07 -12.42
C GLN A 42 -4.13 10.70 -11.31
N GLY A 43 -3.17 11.53 -11.69
CA GLY A 43 -2.48 12.37 -10.73
C GLY A 43 -1.23 11.77 -10.10
N LEU A 44 -0.96 10.49 -10.33
CA LEU A 44 0.21 9.78 -9.74
C LEU A 44 1.06 9.14 -10.82
N TRP A 45 2.36 9.00 -10.56
CA TRP A 45 3.30 8.46 -11.52
C TRP A 45 3.49 6.96 -11.27
N HIS A 46 3.44 6.18 -12.34
CA HIS A 46 3.56 4.77 -12.26
C HIS A 46 4.50 4.12 -13.25
N THR A 47 5.04 2.99 -12.82
CA THR A 47 5.75 2.12 -13.78
C THR A 47 4.71 1.51 -14.68
N GLN A 48 5.14 1.04 -15.86
CA GLN A 48 4.26 0.46 -16.81
C GLN A 48 3.54 -0.76 -16.25
N ALA A 49 4.26 -1.60 -15.52
CA ALA A 49 3.66 -2.84 -15.00
C ALA A 49 2.53 -2.51 -14.03
N ILE A 50 2.80 -1.64 -13.09
CA ILE A 50 1.78 -1.26 -12.10
C ILE A 50 0.59 -0.61 -12.77
N LEU A 51 0.84 0.24 -13.76
CA LEU A 51 -0.24 0.93 -14.44
C LEU A 51 -1.15 -0.07 -15.17
N GLN A 52 -0.55 -1.07 -15.84
CA GLN A 52 -1.38 -2.09 -16.49
C GLN A 52 -2.22 -2.77 -15.44
N GLY A 53 -1.64 -3.08 -14.26
CA GLY A 53 -2.41 -3.75 -13.23
C GLY A 53 -3.52 -2.84 -12.65
N ILE A 54 -3.27 -1.55 -12.50
CA ILE A 54 -4.33 -0.64 -12.03
C ILE A 54 -5.48 -0.58 -13.04
N LEU A 55 -5.14 -0.45 -14.32
CA LEU A 55 -6.15 -0.30 -15.36
C LEU A 55 -7.05 -1.50 -15.40
N ILE A 56 -6.50 -2.69 -15.25
CA ILE A 56 -7.27 -3.93 -15.28
C ILE A 56 -8.07 -4.05 -14.00
N CYS A 57 -7.45 -3.73 -12.88
CA CYS A 57 -8.11 -3.78 -11.59
C CYS A 57 -9.36 -2.89 -11.57
N GLN A 58 -9.26 -1.70 -12.12
CA GLN A 58 -10.35 -0.76 -12.08
C GLN A 58 -11.53 -1.31 -12.91
N LYS A 59 -11.21 -1.96 -14.01
CA LYS A 59 -12.20 -2.56 -14.91
C LYS A 59 -12.82 -3.83 -14.37
N ARG A 60 -12.04 -4.64 -13.65
CA ARG A 60 -12.48 -5.98 -13.34
C ARG A 60 -12.83 -6.26 -11.88
N PHE A 61 -12.18 -5.59 -10.91
CA PHE A 61 -12.39 -5.94 -9.52
C PHE A 61 -13.79 -5.59 -9.02
N GLU A 62 -14.41 -6.55 -8.36
CA GLU A 62 -15.69 -6.41 -7.74
C GLU A 62 -15.52 -6.60 -6.23
N ALA A 63 -15.65 -5.47 -5.53
CA ALA A 63 -15.52 -5.42 -4.09
C ALA A 63 -16.71 -6.13 -3.45
N LYS A 64 -16.49 -6.56 -2.23
CA LYS A 64 -17.53 -7.06 -1.35
C LYS A 64 -17.54 -6.19 -0.14
N ASP A 65 -18.71 -6.07 0.50
CA ASP A 65 -18.81 -5.26 1.69
C ASP A 65 -17.99 -5.83 2.83
N SER A 66 -17.72 -7.14 2.80
CA SER A 66 -16.92 -7.74 3.88
C SER A 66 -15.36 -7.61 3.65
N ASP A 67 -14.92 -7.03 2.55
CA ASP A 67 -13.49 -6.92 2.23
C ASP A 67 -12.77 -5.98 3.16
N ILE A 68 -11.49 -6.25 3.37
CA ILE A 68 -10.56 -5.39 4.07
C ILE A 68 -9.38 -5.18 3.14
N ILE A 69 -9.09 -3.92 2.85
CA ILE A 69 -7.99 -3.59 1.94
C ILE A 69 -6.96 -2.83 2.74
N LEU A 70 -5.74 -3.37 2.74
CA LEU A 70 -4.57 -2.66 3.29
C LEU A 70 -3.92 -1.79 2.20
N VAL A 71 -3.72 -0.50 2.44
CA VAL A 71 -3.10 0.37 1.46
C VAL A 71 -1.73 0.75 2.05
N THR A 72 -0.72 0.53 1.26
CA THR A 72 0.67 0.75 1.68
C THR A 72 1.38 1.50 0.55
N ASN A 73 2.63 1.89 0.82
CA ASN A 73 3.43 2.58 -0.19
C ASN A 73 4.33 1.61 -0.97
N PRO A 74 4.68 1.97 -2.18
CA PRO A 74 5.54 1.08 -2.97
C PRO A 74 6.91 0.76 -2.29
N LYS A 75 7.24 -0.53 -2.25
CA LYS A 75 8.51 -1.08 -1.82
C LYS A 75 8.82 -1.03 -0.34
N SER A 76 7.91 -0.56 0.49
CA SER A 76 8.01 -0.77 1.91
C SER A 76 7.73 -2.27 2.16
N GLY A 77 8.27 -2.75 3.26
CA GLY A 77 7.95 -4.06 3.75
C GLY A 77 6.53 -4.07 4.30
N THR A 78 5.79 -5.11 3.97
CA THR A 78 4.39 -5.24 4.43
C THR A 78 4.13 -6.57 5.05
N THR A 79 5.15 -7.42 5.17
CA THR A 79 5.00 -8.78 5.66
C THR A 79 4.37 -8.76 7.06
N TRP A 80 4.90 -7.92 7.95
CA TRP A 80 4.46 -7.81 9.33
C TRP A 80 3.02 -7.29 9.44
N LEU A 81 2.70 -6.23 8.71
CA LEU A 81 1.37 -5.69 8.75
C LEU A 81 0.34 -6.71 8.22
N LYS A 82 0.68 -7.34 7.11
CA LYS A 82 -0.22 -8.33 6.47
C LYS A 82 -0.47 -9.47 7.49
N ALA A 83 0.59 -9.92 8.18
CA ALA A 83 0.47 -10.95 9.19
C ALA A 83 -0.41 -10.54 10.36
N LEU A 84 -0.12 -9.39 10.96
CA LEU A 84 -0.94 -8.92 12.09
C LEU A 84 -2.45 -8.86 11.77
N VAL A 85 -2.78 -8.26 10.67
CA VAL A 85 -4.20 -8.07 10.30
C VAL A 85 -4.81 -9.40 9.92
N PHE A 86 -4.11 -10.23 9.16
CA PHE A 86 -4.61 -11.56 8.83
C PHE A 86 -4.87 -12.36 10.09
N ALA A 87 -3.91 -12.34 11.00
CA ALA A 87 -4.04 -13.09 12.21
C ALA A 87 -5.17 -12.59 13.06
N LEU A 88 -5.36 -11.29 13.13
CA LEU A 88 -6.48 -10.72 13.87
C LEU A 88 -7.85 -11.14 13.28
N LEU A 89 -8.00 -10.99 11.98
CA LEU A 89 -9.28 -11.30 11.29
C LEU A 89 -9.62 -12.76 11.34
N ASN A 90 -8.60 -13.61 11.41
CA ASN A 90 -8.81 -15.04 11.29
C ASN A 90 -8.66 -15.80 12.63
N ARG A 91 -8.73 -15.08 13.74
CA ARG A 91 -8.29 -15.63 15.00
C ARG A 91 -9.13 -16.77 15.56
N HIS A 92 -10.33 -17.01 14.99
CA HIS A 92 -11.10 -18.21 15.27
C HIS A 92 -11.09 -19.25 14.15
N LYS A 93 -11.02 -18.81 12.90
CA LYS A 93 -10.89 -19.73 11.78
C LYS A 93 -9.55 -20.48 11.81
N PHE A 94 -8.47 -19.75 12.12
CA PHE A 94 -7.15 -20.27 12.25
C PHE A 94 -6.62 -19.69 13.57
N PRO A 95 -6.89 -20.39 14.68
CA PRO A 95 -6.55 -19.93 16.03
C PRO A 95 -5.05 -19.75 16.18
N VAL A 96 -4.70 -18.68 16.88
CA VAL A 96 -3.36 -18.17 16.90
C VAL A 96 -2.52 -19.23 17.60
N SER A 97 -3.19 -19.96 18.46
CA SER A 97 -2.54 -20.99 19.24
C SER A 97 -2.09 -22.20 18.46
N SER A 98 -2.85 -22.65 17.45
CA SER A 98 -2.44 -23.88 16.73
C SER A 98 -1.32 -23.54 15.79
N SER A 99 -0.70 -22.42 16.09
CA SER A 99 0.57 -21.98 15.58
C SER A 99 1.19 -22.70 14.40
N GLY A 100 1.61 -23.96 14.59
CA GLY A 100 2.30 -24.63 13.52
C GLY A 100 1.39 -24.85 12.28
N ASN A 101 0.10 -24.89 12.53
CA ASN A 101 -0.92 -25.08 11.51
C ASN A 101 -1.51 -23.78 11.03
N HIS A 102 -0.93 -22.65 11.49
CA HIS A 102 -1.46 -21.31 11.12
C HIS A 102 -1.08 -21.04 9.69
N PRO A 103 -2.00 -20.55 8.82
CA PRO A 103 -1.63 -20.20 7.46
C PRO A 103 -0.40 -19.29 7.34
N LEU A 104 -0.18 -18.41 8.31
CA LEU A 104 1.02 -17.56 8.28
C LEU A 104 2.31 -18.33 8.29
N LEU A 105 2.28 -19.51 8.90
CA LEU A 105 3.41 -20.39 8.95
C LEU A 105 3.43 -21.38 7.76
N VAL A 106 2.27 -21.82 7.29
CA VAL A 106 2.15 -22.75 6.15
C VAL A 106 2.58 -22.13 4.82
N THR A 107 2.21 -20.88 4.64
CA THR A 107 2.19 -20.21 3.37
C THR A 107 2.87 -18.82 3.63
N ASN A 108 3.15 -18.05 2.60
CA ASN A 108 3.78 -16.74 2.72
C ASN A 108 2.65 -15.68 2.88
N PRO A 109 2.82 -14.69 3.77
CA PRO A 109 1.80 -13.64 3.93
C PRO A 109 1.44 -12.89 2.64
N HIS A 110 2.33 -12.91 1.68
CA HIS A 110 2.11 -12.24 0.38
C HIS A 110 1.20 -13.03 -0.55
N LEU A 111 1.09 -14.32 -0.29
CA LEU A 111 0.10 -15.15 -1.00
C LEU A 111 -1.23 -15.08 -0.28
N LEU A 112 -1.23 -15.08 1.05
CA LEU A 112 -2.44 -14.92 1.82
C LEU A 112 -3.14 -13.60 1.64
N VAL A 113 -2.36 -12.50 1.58
CA VAL A 113 -2.88 -11.16 1.46
C VAL A 113 -2.28 -10.59 0.14
N PRO A 114 -2.98 -10.89 -0.95
CA PRO A 114 -2.42 -10.60 -2.26
C PRO A 114 -2.43 -9.09 -2.59
N PHE A 115 -1.39 -8.68 -3.32
CA PHE A 115 -1.21 -7.33 -3.87
C PHE A 115 -2.05 -7.21 -5.17
N LEU A 116 -3.17 -6.51 -5.08
CA LEU A 116 -4.22 -6.44 -6.14
C LEU A 116 -3.72 -6.14 -7.49
N GLU A 117 -3.04 -5.00 -7.64
CA GLU A 117 -2.54 -4.51 -8.94
C GLU A 117 -1.51 -5.42 -9.53
N GLY A 118 -0.69 -6.00 -8.66
CA GLY A 118 0.28 -7.02 -9.01
C GLY A 118 -0.32 -8.29 -9.58
N VAL A 119 -1.34 -8.78 -8.92
CA VAL A 119 -2.09 -9.91 -9.41
C VAL A 119 -2.73 -9.60 -10.76
N TYR A 120 -3.40 -8.45 -10.88
CA TYR A 120 -3.99 -8.09 -12.16
C TYR A 120 -2.98 -7.91 -13.30
N TYR A 121 -1.75 -7.50 -13.01
CA TYR A 121 -0.74 -7.30 -14.02
C TYR A 121 -0.36 -8.67 -14.58
N GLU A 122 -0.13 -9.58 -13.68
CA GLU A 122 0.51 -10.83 -14.04
C GLU A 122 -0.46 -11.95 -14.31
N SER A 123 -1.67 -11.84 -13.73
CA SER A 123 -2.74 -12.86 -13.81
C SER A 123 -4.12 -12.20 -14.00
N PRO A 124 -4.34 -11.53 -15.11
CA PRO A 124 -5.53 -10.63 -15.27
C PRO A 124 -6.88 -11.30 -15.10
N ASP A 125 -6.92 -12.61 -15.30
CA ASP A 125 -8.16 -13.37 -15.17
C ASP A 125 -8.36 -14.01 -13.80
N PHE A 126 -7.45 -13.76 -12.84
CA PHE A 126 -7.50 -14.32 -11.49
C PHE A 126 -8.86 -14.02 -10.92
N ASP A 127 -9.50 -15.04 -10.37
CA ASP A 127 -10.87 -14.89 -9.88
C ASP A 127 -10.83 -14.61 -8.37
N PHE A 128 -10.88 -13.34 -7.99
CA PHE A 128 -10.79 -12.93 -6.59
C PHE A 128 -11.99 -13.42 -5.82
N SER A 129 -13.11 -13.70 -6.53
CA SER A 129 -14.27 -14.20 -5.82
C SER A 129 -14.17 -15.62 -5.36
N SER A 130 -13.17 -16.34 -5.86
CA SER A 130 -12.88 -17.67 -5.39
C SER A 130 -12.02 -17.69 -4.11
N LEU A 131 -11.64 -16.52 -3.60
CA LEU A 131 -11.05 -16.42 -2.27
C LEU A 131 -12.15 -16.34 -1.20
N PRO A 132 -11.83 -16.81 -0.01
CA PRO A 132 -12.77 -16.78 1.10
C PRO A 132 -12.99 -15.39 1.67
N SER A 133 -14.23 -15.10 2.04
CA SER A 133 -14.55 -13.86 2.71
C SER A 133 -14.54 -14.13 4.20
N PRO A 134 -14.05 -13.17 5.01
CA PRO A 134 -13.66 -11.84 4.54
C PRO A 134 -12.28 -11.80 3.88
N ARG A 135 -12.20 -11.16 2.74
CA ARG A 135 -10.99 -11.11 1.94
C ARG A 135 -10.10 -9.99 2.49
N LEU A 136 -8.89 -10.35 2.89
CA LEU A 136 -7.87 -9.35 3.18
C LEU A 136 -6.93 -9.25 1.97
N MET A 137 -6.76 -8.04 1.47
CA MET A 137 -5.94 -7.78 0.28
C MET A 137 -5.14 -6.47 0.44
N ASN A 138 -4.12 -6.28 -0.36
CA ASN A 138 -3.20 -5.15 -0.28
C ASN A 138 -3.19 -4.39 -1.61
N THR A 139 -2.99 -3.09 -1.55
CA THR A 139 -2.84 -2.29 -2.75
C THR A 139 -1.99 -1.06 -2.44
N HIS A 140 -1.47 -0.42 -3.47
CA HIS A 140 -0.93 0.97 -3.35
C HIS A 140 -1.76 1.97 -4.08
N ILE A 141 -2.91 1.55 -4.61
CA ILE A 141 -3.68 2.48 -5.42
C ILE A 141 -4.18 3.67 -4.56
N SER A 142 -4.07 4.87 -5.16
CA SER A 142 -4.67 6.14 -4.64
C SER A 142 -6.10 6.03 -4.26
N HIS A 143 -6.48 6.75 -3.21
CA HIS A 143 -7.86 6.76 -2.78
C HIS A 143 -8.80 7.12 -3.96
N LEU A 144 -8.36 8.01 -4.82
CA LEU A 144 -9.23 8.52 -5.89
C LEU A 144 -9.26 7.57 -7.11
N SER A 145 -8.38 6.58 -7.13
CA SER A 145 -8.26 5.65 -8.25
C SER A 145 -8.75 4.24 -7.92
N LEU A 146 -9.26 4.04 -6.72
CA LEU A 146 -9.77 2.73 -6.33
C LEU A 146 -10.91 2.35 -7.29
N PRO A 147 -11.09 1.06 -7.57
CA PRO A 147 -12.23 0.63 -8.40
C PRO A 147 -13.52 1.22 -7.84
N GLU A 148 -14.46 1.56 -8.72
CA GLU A 148 -15.71 2.13 -8.29
C GLU A 148 -16.47 1.27 -7.30
N SER A 149 -16.41 -0.04 -7.40
CA SER A 149 -17.11 -0.90 -6.42
C SER A 149 -16.56 -0.83 -5.03
N VAL A 150 -15.25 -0.62 -4.92
CA VAL A 150 -14.65 -0.36 -3.62
C VAL A 150 -15.19 0.94 -3.01
N LYS A 151 -15.19 2.00 -3.81
CA LYS A 151 -15.68 3.33 -3.36
C LYS A 151 -17.11 3.27 -2.87
N SER A 152 -17.94 2.50 -3.56
CA SER A 152 -19.36 2.40 -3.27
C SER A 152 -19.70 1.35 -2.19
N SER A 153 -18.74 0.49 -1.82
CA SER A 153 -19.01 -0.57 -0.87
C SER A 153 -18.90 -0.03 0.53
N SER A 154 -19.26 -0.84 1.50
CA SER A 154 -19.00 -0.59 2.91
C SER A 154 -17.85 -1.47 3.42
N CYS A 155 -16.88 -1.76 2.55
CA CYS A 155 -15.72 -2.54 2.93
C CYS A 155 -14.88 -1.62 3.85
N LYS A 156 -13.78 -2.14 4.36
CA LYS A 156 -12.90 -1.37 5.26
C LYS A 156 -11.55 -1.18 4.64
N ILE A 157 -10.96 0.02 4.83
CA ILE A 157 -9.68 0.39 4.21
C ILE A 157 -8.77 0.82 5.37
N VAL A 158 -7.59 0.25 5.47
CA VAL A 158 -6.59 0.68 6.47
C VAL A 158 -5.42 1.20 5.67
N TYR A 159 -5.10 2.47 5.84
CA TYR A 159 -3.95 3.12 5.21
C TYR A 159 -2.79 3.11 6.20
N CYS A 160 -1.72 2.48 5.83
CA CYS A 160 -0.53 2.40 6.68
C CYS A 160 0.54 3.37 6.14
N CYS A 161 0.77 4.44 6.87
CA CYS A 161 1.53 5.56 6.42
C CYS A 161 2.94 5.45 6.99
N ARG A 162 3.92 5.44 6.13
CA ARG A 162 5.32 5.53 6.59
C ARG A 162 5.75 6.98 6.38
N ASN A 163 6.68 7.44 7.21
CA ASN A 163 7.31 8.72 6.99
C ASN A 163 7.79 8.83 5.57
N PRO A 164 7.53 9.94 4.89
CA PRO A 164 8.01 10.11 3.52
C PRO A 164 9.49 9.88 3.29
N LYS A 165 10.32 10.08 4.30
CA LYS A 165 11.73 9.81 4.12
C LYS A 165 11.98 8.33 3.95
N ASP A 166 11.30 7.52 4.78
CA ASP A 166 11.30 6.07 4.55
C ASP A 166 10.69 5.66 3.25
N MET A 167 9.66 6.37 2.77
CA MET A 167 9.05 6.04 1.47
C MET A 167 10.06 6.20 0.34
N PHE A 168 10.84 7.29 0.42
CA PHE A 168 11.89 7.49 -0.54
C PHE A 168 12.97 6.41 -0.46
N VAL A 169 13.45 6.12 0.74
CA VAL A 169 14.62 5.27 0.91
C VAL A 169 14.27 3.88 0.49
N SER A 170 13.02 3.49 0.72
CA SER A 170 12.58 2.17 0.23
C SER A 170 12.68 2.10 -1.27
N LEU A 171 12.24 3.14 -1.96
CA LEU A 171 12.30 3.17 -3.42
C LEU A 171 13.75 3.17 -3.94
N TRP A 172 14.59 3.90 -3.22
CA TRP A 172 15.99 4.08 -3.54
C TRP A 172 16.75 2.76 -3.40
N HIS A 173 16.62 2.14 -2.23
CA HIS A 173 17.26 0.85 -1.92
C HIS A 173 16.85 -0.22 -2.89
N PHE A 174 15.63 -0.10 -3.39
CA PHE A 174 15.13 -1.04 -4.34
C PHE A 174 15.78 -0.83 -5.70
N GLY A 175 15.86 0.41 -6.16
CA GLY A 175 16.40 0.72 -7.48
C GLY A 175 17.91 0.50 -7.56
N LYS A 176 18.66 1.01 -6.57
CA LYS A 176 20.12 0.83 -6.45
C LYS A 176 20.51 -0.65 -6.42
N LYS A 177 19.64 -1.48 -5.83
CA LYS A 177 19.80 -2.94 -5.87
C LYS A 177 19.82 -3.47 -7.31
N LEU A 178 18.79 -3.13 -8.10
CA LEU A 178 18.57 -3.73 -9.43
C LEU A 178 19.87 -3.82 -10.23
N TYR A 186 23.12 7.66 -11.60
CA TYR A 186 22.03 8.56 -11.19
C TYR A 186 22.11 8.74 -9.68
N PRO A 187 22.62 9.88 -9.22
CA PRO A 187 22.95 10.05 -7.78
C PRO A 187 21.71 10.28 -6.87
N ILE A 188 21.83 9.89 -5.61
CA ILE A 188 20.76 10.01 -4.62
C ILE A 188 20.24 11.44 -4.50
N GLU A 189 21.12 12.42 -4.66
CA GLU A 189 20.77 13.82 -4.51
C GLU A 189 19.72 14.19 -5.57
N LYS A 190 19.86 13.65 -6.78
CA LYS A 190 18.94 13.97 -7.87
C LYS A 190 17.56 13.28 -7.70
N ALA A 191 17.63 12.06 -7.18
CA ALA A 191 16.44 11.26 -6.93
C ALA A 191 15.61 11.89 -5.80
N VAL A 192 16.27 12.41 -4.77
CA VAL A 192 15.59 13.13 -3.70
C VAL A 192 14.87 14.37 -4.26
N GLU A 193 15.54 15.09 -5.14
CA GLU A 193 14.97 16.29 -5.75
C GLU A 193 13.71 15.91 -6.57
N ALA A 194 13.77 14.83 -7.33
CA ALA A 194 12.62 14.40 -8.14
C ALA A 194 11.45 13.93 -7.23
N PHE A 195 11.78 13.19 -6.19
CA PHE A 195 10.82 12.76 -5.19
C PHE A 195 10.11 13.92 -4.55
N CYS A 196 10.87 14.97 -4.22
CA CYS A 196 10.30 16.18 -3.65
C CYS A 196 9.46 16.98 -4.66
N GLU A 197 9.80 16.94 -5.93
CA GLU A 197 8.95 17.55 -6.96
C GLU A 197 7.65 16.77 -7.18
N GLY A 198 7.62 15.48 -6.81
CA GLY A 198 6.44 14.64 -7.06
C GLY A 198 6.50 13.82 -8.33
N LYS A 199 7.52 14.04 -9.16
CA LYS A 199 7.62 13.37 -10.47
C LYS A 199 8.57 12.19 -10.31
N PHE A 200 8.03 11.16 -9.69
CA PHE A 200 8.81 10.07 -9.20
C PHE A 200 7.82 8.90 -9.02
N ILE A 201 8.31 7.67 -9.13
CA ILE A 201 7.48 6.49 -8.95
C ILE A 201 6.66 6.58 -7.69
N GLY A 202 5.36 6.35 -7.82
CA GLY A 202 4.42 6.38 -6.71
C GLY A 202 4.10 7.76 -6.20
N GLY A 203 4.60 8.79 -6.85
CA GLY A 203 4.41 10.16 -6.39
C GLY A 203 3.35 10.93 -7.18
N PRO A 204 2.99 12.13 -6.73
CA PRO A 204 3.57 12.76 -5.54
C PRO A 204 3.25 12.08 -4.22
N PHE A 205 4.27 11.95 -3.38
CA PHE A 205 4.05 11.30 -2.12
C PHE A 205 3.06 11.97 -1.24
N TRP A 206 2.94 13.28 -1.32
CA TRP A 206 2.02 13.96 -0.42
C TRP A 206 0.54 13.66 -0.83
N ASP A 207 0.28 13.49 -2.09
CA ASP A 207 -1.09 13.18 -2.53
C ASP A 207 -1.49 11.75 -2.13
N HIS A 208 -0.59 10.80 -2.26
CA HIS A 208 -0.88 9.43 -1.88
C HIS A 208 -1.33 9.36 -0.42
N ILE A 209 -0.55 9.98 0.45
CA ILE A 209 -0.88 10.10 1.84
C ILE A 209 -2.14 10.96 2.11
N LEU A 210 -2.20 12.17 1.57
CA LEU A 210 -3.24 13.13 2.03
C LEU A 210 -4.63 12.63 1.65
N GLU A 211 -4.75 11.97 0.52
CA GLU A 211 -6.11 11.53 0.13
C GLU A 211 -6.68 10.57 1.15
N TYR A 212 -5.85 9.66 1.68
CA TYR A 212 -6.32 8.77 2.75
C TYR A 212 -6.48 9.41 4.12
N TRP A 213 -5.63 10.40 4.41
CA TRP A 213 -5.73 11.16 5.63
C TRP A 213 -7.10 11.87 5.65
N TYR A 214 -7.45 12.49 4.53
CA TYR A 214 -8.73 13.22 4.43
C TYR A 214 -9.89 12.24 4.59
N ALA A 215 -9.82 11.11 3.89
CA ALA A 215 -10.88 10.07 3.98
C ALA A 215 -11.05 9.52 5.36
N SER A 216 -9.95 9.42 6.13
CA SER A 216 -10.00 8.90 7.46
C SER A 216 -10.72 9.86 8.40
N ARG A 217 -10.76 11.13 8.06
CA ARG A 217 -11.43 12.13 8.91
C ARG A 217 -12.86 12.35 8.44
N GLU A 218 -13.04 12.33 7.13
CA GLU A 218 -14.33 12.57 6.50
C GLU A 218 -15.23 11.34 6.47
N ASN A 219 -14.65 10.11 6.46
CA ASN A 219 -15.47 8.89 6.41
C ASN A 219 -14.82 7.84 7.31
N PRO A 220 -14.78 8.09 8.62
CA PRO A 220 -13.99 7.28 9.54
C PRO A 220 -14.48 5.84 9.70
N ASN A 221 -15.68 5.52 9.21
CA ASN A 221 -16.11 4.12 9.22
C ASN A 221 -15.63 3.36 7.98
N LYS A 222 -15.11 4.08 7.00
CA LYS A 222 -14.61 3.48 5.75
C LYS A 222 -13.09 3.37 5.73
N VAL A 223 -12.42 4.43 6.22
CA VAL A 223 -10.93 4.50 6.15
C VAL A 223 -10.34 4.75 7.50
N LEU A 224 -9.35 3.96 7.88
CA LEU A 224 -8.58 4.16 9.11
C LEU A 224 -7.14 4.47 8.75
N PHE A 225 -6.57 5.47 9.41
CA PHE A 225 -5.21 5.93 9.11
C PHE A 225 -4.30 5.53 10.26
N VAL A 226 -3.29 4.70 9.95
CA VAL A 226 -2.37 4.12 10.93
C VAL A 226 -0.95 4.57 10.54
N THR A 227 -0.18 5.09 11.49
CA THR A 227 1.23 5.37 11.17
C THR A 227 2.05 4.15 11.52
N TYR A 228 2.94 3.73 10.64
CA TYR A 228 3.75 2.56 10.93
C TYR A 228 4.56 2.73 12.23
N GLU A 229 4.90 3.97 12.47
CA GLU A 229 5.74 4.33 13.61
C GLU A 229 5.00 4.02 14.89
N GLU A 230 3.72 4.40 14.98
CA GLU A 230 2.90 4.00 16.10
C GLU A 230 2.60 2.48 16.16
N LEU A 231 2.40 1.84 15.01
CA LEU A 231 2.17 0.39 15.00
C LEU A 231 3.41 -0.31 15.60
N LYS A 232 4.58 0.22 15.34
CA LYS A 232 5.82 -0.34 15.87
C LYS A 232 5.95 -0.07 17.38
N LYS A 233 5.76 1.17 17.77
CA LYS A 233 6.06 1.63 19.15
C LYS A 233 5.03 1.16 20.17
N GLN A 234 3.76 1.15 19.75
CA GLN A 234 2.66 0.78 20.62
C GLN A 234 1.71 -0.24 19.91
N THR A 235 2.28 -1.40 19.58
CA THR A 235 1.62 -2.38 18.73
C THR A 235 0.27 -2.81 19.30
N GLU A 236 0.22 -3.09 20.60
CA GLU A 236 -1.01 -3.58 21.23
C GLU A 236 -2.11 -2.56 21.18
N VAL A 237 -1.76 -1.31 21.46
CA VAL A 237 -2.72 -0.23 21.32
C VAL A 237 -3.22 -0.05 19.88
N GLU A 238 -2.29 0.03 18.94
CA GLU A 238 -2.68 0.23 17.54
C GLU A 238 -3.54 -0.97 17.04
N MET A 239 -3.16 -2.18 17.41
CA MET A 239 -3.96 -3.36 16.98
C MET A 239 -5.36 -3.34 17.55
N LYS A 240 -5.52 -2.89 18.79
CA LYS A 240 -6.85 -2.81 19.37
C LYS A 240 -7.65 -1.75 18.61
N ARG A 241 -6.98 -0.69 18.21
CA ARG A 241 -7.61 0.33 17.43
C ARG A 241 -8.07 -0.22 16.06
N ILE A 242 -7.22 -1.01 15.40
CA ILE A 242 -7.58 -1.60 14.11
C ILE A 242 -8.77 -2.54 14.31
N ALA A 243 -8.70 -3.40 15.31
CA ALA A 243 -9.79 -4.36 15.60
C ALA A 243 -11.14 -3.69 15.75
N GLU A 244 -11.15 -2.58 16.49
CA GLU A 244 -12.38 -1.80 16.75
C GLU A 244 -12.95 -1.17 15.45
N PHE A 245 -12.08 -0.82 14.50
CA PHE A 245 -12.48 -0.33 13.18
C PHE A 245 -13.02 -1.44 12.30
N LEU A 246 -12.32 -2.58 12.30
CA LEU A 246 -12.70 -3.70 11.46
C LEU A 246 -13.92 -4.49 11.89
N GLU A 247 -14.18 -4.59 13.19
CA GLU A 247 -15.12 -5.55 13.75
C GLU A 247 -15.97 -4.86 14.79
N CYS A 248 -17.16 -5.41 15.04
CA CYS A 248 -18.06 -4.87 16.10
C CYS A 248 -17.85 -5.36 17.56
N GLY A 249 -17.24 -6.50 17.78
CA GLY A 249 -17.25 -6.98 19.15
C GLY A 249 -16.13 -6.49 20.04
N PHE A 250 -16.10 -7.04 21.24
CA PHE A 250 -14.98 -6.84 22.18
C PHE A 250 -13.81 -7.73 21.81
N ILE A 251 -12.58 -7.21 21.99
CA ILE A 251 -11.36 -8.04 21.89
C ILE A 251 -10.55 -7.88 23.17
N GLU A 252 -10.16 -9.00 23.79
CA GLU A 252 -9.37 -8.98 25.03
C GLU A 252 -7.98 -8.51 24.73
N GLU A 253 -7.37 -7.81 25.68
CA GLU A 253 -5.96 -7.52 25.61
C GLU A 253 -5.09 -8.75 25.37
N GLU A 254 -5.43 -9.90 25.97
CA GLU A 254 -4.57 -11.07 25.78
C GLU A 254 -4.66 -11.66 24.37
N GLU A 255 -5.83 -11.58 23.74
CA GLU A 255 -5.96 -12.05 22.38
C GLU A 255 -5.03 -11.21 21.55
N VAL A 256 -4.98 -9.90 21.80
CA VAL A 256 -4.12 -9.03 20.97
C VAL A 256 -2.63 -9.36 21.24
N ARG A 257 -2.28 -9.61 22.50
CA ARG A 257 -0.90 -9.99 22.82
C ARG A 257 -0.46 -11.29 22.11
N GLU A 258 -1.34 -12.28 22.03
CA GLU A 258 -1.03 -13.58 21.39
C GLU A 258 -0.91 -13.43 19.88
N ILE A 259 -1.71 -12.53 19.30
CA ILE A 259 -1.56 -12.19 17.88
C ILE A 259 -0.18 -11.56 17.57
N VAL A 260 0.20 -10.58 18.36
CA VAL A 260 1.49 -9.92 18.23
C VAL A 260 2.61 -10.98 18.41
N LYS A 261 2.50 -11.83 19.41
CA LYS A 261 3.48 -12.88 19.63
C LYS A 261 3.59 -13.82 18.44
N LEU A 262 2.46 -14.29 17.87
CA LEU A 262 2.50 -15.13 16.64
C LEU A 262 3.26 -14.46 15.51
N CYS A 263 3.04 -13.15 15.35
CA CYS A 263 3.55 -12.41 14.22
C CYS A 263 4.97 -11.92 14.46
N SER A 264 5.51 -12.13 15.67
CA SER A 264 6.85 -11.59 16.02
C SER A 264 8.00 -12.26 15.26
N PHE A 265 7.82 -13.46 14.71
CA PHE A 265 8.79 -14.04 13.76
C PHE A 265 8.94 -13.32 12.40
N GLU A 266 8.08 -12.34 12.11
CA GLU A 266 8.20 -11.51 10.88
C GLU A 266 8.77 -10.14 11.23
N GLY A 296 15.14 4.88 10.31
CA GLY A 296 15.52 3.93 9.25
C GLY A 296 16.20 4.64 8.05
N TRP A 297 15.43 5.58 7.48
CA TRP A 297 15.98 6.60 6.65
C TRP A 297 17.20 7.23 7.36
N ARG A 298 17.20 7.25 8.68
CA ARG A 298 18.32 7.79 9.46
C ARG A 298 19.70 7.21 9.09
N ASP A 299 19.74 5.95 8.67
CA ASP A 299 20.99 5.30 8.26
C ASP A 299 21.38 5.53 6.82
N THR A 300 20.45 5.95 5.99
CA THR A 300 20.70 6.07 4.57
C THR A 300 20.82 7.47 4.09
N LEU A 301 19.97 8.35 4.56
CA LEU A 301 19.98 9.71 4.11
C LEU A 301 21.02 10.50 4.91
N SER A 302 21.86 11.22 4.18
CA SER A 302 22.59 12.33 4.75
C SER A 302 21.56 13.27 5.34
N GLU A 303 21.98 14.10 6.26
CA GLU A 303 21.13 15.10 6.89
C GLU A 303 20.63 16.16 5.94
N SER A 304 21.42 16.53 4.94
CA SER A 304 20.95 17.56 4.01
C SER A 304 19.78 16.98 3.15
N LEU A 305 19.84 15.72 2.77
CA LEU A 305 18.70 15.09 2.00
C LEU A 305 17.46 14.94 2.87
N ALA A 306 17.63 14.52 4.12
CA ALA A 306 16.53 14.42 5.07
C ALA A 306 15.85 15.76 5.26
N GLU A 307 16.65 16.83 5.38
CA GLU A 307 16.10 18.16 5.54
C GLU A 307 15.40 18.60 4.28
N GLU A 308 15.95 18.24 3.12
CA GLU A 308 15.32 18.61 1.86
C GLU A 308 13.88 18.01 1.85
N ILE A 309 13.76 16.74 2.20
CA ILE A 309 12.42 16.12 2.22
C ILE A 309 11.56 16.77 3.26
N ASP A 310 12.13 17.11 4.42
CA ASP A 310 11.37 17.75 5.47
C ASP A 310 10.79 19.08 5.01
N ARG A 311 11.50 19.78 4.11
CA ARG A 311 11.02 21.08 3.62
C ARG A 311 9.73 20.86 2.78
N THR A 312 9.73 19.80 1.98
CA THR A 312 8.55 19.51 1.16
C THR A 312 7.41 19.01 2.04
N ILE A 313 7.72 18.17 3.01
CA ILE A 313 6.71 17.70 3.94
C ILE A 313 6.02 18.90 4.58
N GLU A 314 6.79 19.80 5.19
CA GLU A 314 6.17 20.95 5.86
C GLU A 314 5.31 21.78 4.92
N GLU A 315 5.78 22.00 3.71
CA GLU A 315 5.04 22.79 2.74
C GLU A 315 3.73 22.12 2.34
N LYS A 316 3.81 20.82 2.00
CA LYS A 316 2.65 20.09 1.48
C LYS A 316 1.63 19.69 2.53
N PHE A 317 2.05 19.44 3.77
CA PHE A 317 1.17 19.01 4.87
C PHE A 317 0.64 20.15 5.77
N LYS A 318 0.85 21.40 5.37
CA LYS A 318 0.34 22.58 6.11
C LYS A 318 -1.14 22.79 5.75
N GLY A 319 -2.08 23.02 6.67
CA GLY A 319 -2.06 22.67 8.08
C GLY A 319 -3.15 21.57 8.11
N SER A 320 -2.68 20.36 7.85
CA SER A 320 -3.55 19.29 7.38
C SER A 320 -4.32 18.54 8.47
N GLY A 321 -4.01 18.58 9.75
CA GLY A 321 -2.74 18.52 10.37
C GLY A 321 -2.36 17.10 10.76
N LEU A 322 -1.82 16.47 9.74
CA LEU A 322 -0.94 15.39 9.88
C LEU A 322 0.47 15.98 10.06
N LYS A 323 1.14 15.58 11.12
CA LYS A 323 2.51 15.95 11.39
C LYS A 323 3.31 14.68 11.49
N PHE A 324 4.58 14.72 11.07
CA PHE A 324 5.43 13.55 11.21
C PHE A 324 6.46 13.72 12.33
N SER A 325 6.85 12.57 12.91
CA SER A 325 7.96 12.47 13.87
C SER A 325 9.17 11.74 13.24
C1 MLA B . 3.07 1.51 -7.36
O1A MLA B . 3.28 0.42 -6.83
O1B MLA B . 2.23 2.31 -7.03
C2 MLA B . 3.77 2.21 -8.25
C3 MLA B . 4.66 1.91 -9.35
O3A MLA B . 5.51 1.10 -9.71
O3B MLA B . 4.09 2.55 -10.18
#